data_6G9B
#
_entry.id   6G9B
#
_cell.length_a   114.216
_cell.length_b   114.216
_cell.length_c   305.552
_cell.angle_alpha   90.00
_cell.angle_beta   90.00
_cell.angle_gamma   120.00
#
_symmetry.space_group_name_H-M   'H 3 2'
#
loop_
_entity.id
_entity.type
_entity.pdbx_description
1 polymer 'Envelope glycoprotein,Envelope glycoprotein'
2 polymer 'Envelope glycoprotein'
3 branched 2-acetamido-2-deoxy-beta-D-glucopyranose-(1-4)-2-acetamido-2-deoxy-beta-D-glucopyranose
4 non-polymer 2-acetamido-2-deoxy-beta-D-glucopyranose
5 non-polymer GLYCEROL
6 non-polymer 3-(5H-DIBENZO[B,F]AZEPIN-5-YL)-N,N-DIMETHYLPROPAN-1-AMINE
7 non-polymer 'DIMETHYL SULFOXIDE'
8 water water
#
loop_
_entity_poly.entity_id
_entity_poly.type
_entity_poly.pdbx_seq_one_letter_code
_entity_poly.pdbx_strand_id
1 'polypeptide(L)'
;ETGRSIPLGVIHNSALQVSDVDKLVCRDKLSSTNQLRSVGLNLEGNGVATDVPSATKRWGFRSGVPPKVVNYEAGEWAEN
CYNLEIKKPDGSECLPAAPDGIRGFPRCRYVHKVSGTGPCAGDFAFHKEGAFFLYDRLASTVIYRGTTFAEGVVAFLILP
QAKKDFFSSHPLREPVNATEDPSSGYYSTTIRYQATGFGTNETEYLFEVDNLTYVQLESRFTPQFLLQLNETIYTSGKRS
NTTGKLIWKVNPEIDTTIGEWAFWETKKNLTRKIRSEELSFTVVS(UNK)(UNK)(UNK)(UNK)(UNK)(UNK)(UNK)
THHQDTGEESASSGKLGLITNTIAGVAGLITGGRRTRR
;
A
2 'polypeptide(L)'
;EAIVNAQPKCNPNLHYWTTQDEGAAIGLAWIPYFGPAAEGIYIEGLMHNQDGLICGLRQLANETTQALQLFLRATTELRT
FSILNRKAIDFLLQRWGGTCHILGPDCCIEPADWTKNITDKIDQIIHDFVDGSGYIPEAPRDGQAYVRKDGEWVLLSTFL
GTHHHHHH
;
B
#
loop_
_chem_comp.id
_chem_comp.type
_chem_comp.name
_chem_comp.formula
DMS non-polymer 'DIMETHYL SULFOXIDE' 'C2 H6 O S'
GOL non-polymer GLYCEROL 'C3 H8 O3'
IXX non-polymer 3-(5H-DIBENZO[B,F]AZEPIN-5-YL)-N,N-DIMETHYLPROPAN-1-AMINE 'C19 H24 N2'
NAG D-saccharide, beta linking 2-acetamido-2-deoxy-beta-D-glucopyranose 'C8 H15 N O6'
#
# COMPACT_ATOMS: atom_id res chain seq x y z
N ARG A 4 -15.33 8.50 13.90
CA ARG A 4 -14.98 7.11 14.12
C ARG A 4 -13.55 6.96 14.64
N SER A 5 -13.37 6.11 15.65
CA SER A 5 -12.05 5.83 16.19
C SER A 5 -11.28 4.88 15.28
N ILE A 6 -9.98 5.11 15.14
CA ILE A 6 -9.17 4.33 14.20
C ILE A 6 -8.99 2.93 14.75
N PRO A 7 -9.43 1.90 14.03
CA PRO A 7 -9.35 0.54 14.56
C PRO A 7 -7.90 0.04 14.65
N LEU A 8 -7.72 -0.94 15.52
CA LEU A 8 -6.44 -1.55 15.83
C LEU A 8 -6.57 -3.06 15.74
N GLY A 9 -5.63 -3.71 15.05
CA GLY A 9 -5.65 -5.16 14.89
C GLY A 9 -4.96 -5.84 16.05
N VAL A 10 -5.60 -6.86 16.59
CA VAL A 10 -5.06 -7.62 17.73
C VAL A 10 -5.32 -9.10 17.52
N ILE A 11 -4.35 -9.93 17.90
CA ILE A 11 -4.50 -11.37 17.77
C ILE A 11 -5.08 -11.92 19.07
N HIS A 12 -6.22 -12.59 18.96
CA HIS A 12 -6.82 -13.30 20.08
C HIS A 12 -7.47 -14.58 19.58
N ASN A 13 -7.31 -15.66 20.33
CA ASN A 13 -7.90 -16.96 20.01
C ASN A 13 -7.49 -17.42 18.61
N SER A 14 -6.21 -17.24 18.30
CA SER A 14 -5.64 -17.65 17.02
C SER A 14 -6.36 -17.01 15.84
N ALA A 15 -6.87 -15.78 16.02
CA ALA A 15 -7.51 -15.06 14.94
C ALA A 15 -7.27 -13.57 15.08
N LEU A 16 -7.29 -12.89 13.95
CA LEU A 16 -7.11 -11.42 13.95
C LEU A 16 -8.44 -10.77 14.34
N GLN A 17 -8.39 -9.92 15.34
CA GLN A 17 -9.56 -9.19 15.83
C GLN A 17 -9.33 -7.71 15.59
N VAL A 18 -10.42 -7.00 15.32
CA VAL A 18 -10.39 -5.55 15.28
C VAL A 18 -10.85 -5.05 16.64
N SER A 19 -10.05 -4.18 17.24
CA SER A 19 -10.34 -3.69 18.57
C SER A 19 -9.77 -2.27 18.69
N ASP A 20 -9.57 -1.83 19.92
CA ASP A 20 -8.91 -0.57 20.22
C ASP A 20 -8.35 -0.65 21.63
N VAL A 21 -7.45 0.29 21.93
CA VAL A 21 -6.78 0.30 23.23
C VAL A 21 -7.77 0.49 24.37
N ASP A 22 -8.93 1.09 24.08
CA ASP A 22 -9.97 1.25 25.10
C ASP A 22 -10.77 -0.02 25.33
N LYS A 23 -10.54 -1.06 24.54
CA LYS A 23 -11.36 -2.27 24.58
C LYS A 23 -10.52 -3.52 24.88
N LEU A 24 -9.34 -3.35 25.46
CA LEU A 24 -8.49 -4.47 25.79
C LEU A 24 -8.69 -4.87 27.25
N VAL A 25 -8.26 -6.08 27.58
CA VAL A 25 -8.37 -6.60 28.93
C VAL A 25 -6.95 -6.65 29.52
N CYS A 26 -6.89 -6.65 30.85
CA CYS A 26 -5.60 -6.56 31.54
C CYS A 26 -4.59 -7.59 31.04
N ARG A 27 -5.05 -8.75 30.57
CA ARG A 27 -4.12 -9.76 30.07
C ARG A 27 -3.38 -9.26 28.84
N ASP A 28 -4.02 -8.44 28.01
CA ASP A 28 -3.34 -7.82 26.88
C ASP A 28 -2.21 -6.93 27.38
N LYS A 29 -0.99 -7.17 26.88
CA LYS A 29 0.20 -6.48 27.37
C LYS A 29 0.81 -5.67 26.24
N LEU A 30 0.98 -4.37 26.47
CA LEU A 30 1.72 -3.49 25.57
C LEU A 30 2.91 -2.94 26.34
N SER A 31 4.10 -3.47 26.09
CA SER A 31 5.27 -3.09 26.87
C SER A 31 6.22 -2.18 26.12
N SER A 32 5.89 -1.81 24.87
CA SER A 32 6.81 -1.00 24.09
C SER A 32 6.08 -0.45 22.88
N THR A 33 6.41 0.79 22.49
CA THR A 33 5.93 1.32 21.23
C THR A 33 6.40 0.49 20.04
N ASN A 34 7.43 -0.35 20.23
CA ASN A 34 7.83 -1.28 19.18
C ASN A 34 6.72 -2.29 18.88
N GLN A 35 5.84 -2.55 19.84
CA GLN A 35 4.74 -3.49 19.61
C GLN A 35 3.67 -2.91 18.71
N LEU A 36 3.69 -1.61 18.44
CA LEU A 36 2.71 -0.97 17.58
C LEU A 36 3.32 -0.82 16.19
N ARG A 37 2.56 -1.20 15.16
CA ARG A 37 3.08 -1.18 13.81
C ARG A 37 1.99 -0.77 12.83
N SER A 38 2.37 -0.01 11.82
CA SER A 38 1.52 0.38 10.71
C SER A 38 1.99 -0.33 9.46
N VAL A 39 1.04 -0.87 8.69
CA VAL A 39 1.34 -1.66 7.50
C VAL A 39 0.48 -1.13 6.36
N GLY A 40 1.09 -0.98 5.18
CA GLY A 40 0.37 -0.67 3.96
C GLY A 40 0.15 -1.93 3.17
N LEU A 41 -1.11 -2.16 2.77
CA LEU A 41 -1.49 -3.33 1.99
C LEU A 41 -1.97 -2.89 0.61
N ASN A 42 -1.61 -3.66 -0.42
CA ASN A 42 -1.84 -3.25 -1.80
C ASN A 42 -3.21 -3.72 -2.26
N LEU A 43 -3.97 -2.81 -2.90
CA LEU A 43 -5.24 -3.17 -3.53
C LEU A 43 -5.10 -4.38 -4.45
N GLU A 44 -3.96 -4.52 -5.13
CA GLU A 44 -3.60 -5.72 -5.87
C GLU A 44 -4.02 -7.00 -5.13
N GLY A 45 -3.68 -7.07 -3.84
CA GLY A 45 -3.94 -8.28 -3.08
C GLY A 45 -5.38 -8.56 -2.79
N ASN A 46 -6.30 -7.65 -3.12
CA ASN A 46 -7.73 -7.92 -2.98
C ASN A 46 -8.38 -8.30 -4.30
N GLY A 47 -7.63 -8.34 -5.39
CA GLY A 47 -8.13 -8.82 -6.65
C GLY A 47 -8.57 -7.77 -7.64
N VAL A 48 -8.22 -6.50 -7.41
CA VAL A 48 -8.64 -5.45 -8.33
C VAL A 48 -7.86 -5.56 -9.64
N ALA A 49 -8.52 -5.20 -10.73
CA ALA A 49 -7.84 -5.13 -12.03
C ALA A 49 -6.70 -4.11 -11.94
N THR A 50 -5.55 -4.50 -12.45
CA THR A 50 -4.34 -3.68 -12.37
C THR A 50 -3.90 -3.10 -13.71
N ASP A 51 -4.51 -3.51 -14.81
CA ASP A 51 -4.19 -2.91 -16.10
C ASP A 51 -4.43 -1.41 -16.06
N VAL A 52 -3.63 -0.68 -16.83
CA VAL A 52 -3.65 0.79 -16.81
C VAL A 52 -5.05 1.34 -17.10
N PRO A 53 -5.79 0.84 -18.09
CA PRO A 53 -7.15 1.38 -18.28
C PRO A 53 -8.04 1.23 -17.06
N SER A 54 -8.08 0.04 -16.46
CA SER A 54 -8.93 -0.13 -15.27
C SER A 54 -8.42 0.71 -14.11
N ALA A 55 -7.11 0.78 -13.91
CA ALA A 55 -6.58 1.48 -12.75
C ALA A 55 -6.85 2.97 -12.81
N THR A 56 -6.66 3.60 -13.98
CA THR A 56 -6.80 5.05 -14.05
C THR A 56 -8.23 5.50 -13.83
N LYS A 57 -9.22 4.66 -14.13
CA LYS A 57 -10.60 5.08 -13.91
C LYS A 57 -10.98 5.12 -12.45
N ARG A 58 -10.12 4.62 -11.56
CA ARG A 58 -10.33 4.75 -10.13
C ARG A 58 -9.83 6.09 -9.58
N TRP A 59 -9.23 6.94 -10.40
CA TRP A 59 -8.67 8.21 -9.96
C TRP A 59 -9.37 9.37 -10.65
N GLY A 60 -9.50 10.48 -9.92
CA GLY A 60 -10.23 11.62 -10.44
C GLY A 60 -9.76 12.90 -9.79
N PHE A 61 -9.95 14.01 -10.52
CA PHE A 61 -9.53 15.33 -10.06
C PHE A 61 -10.66 16.04 -9.32
N ARG A 62 -10.27 16.82 -8.30
CA ARG A 62 -11.22 17.48 -7.43
C ARG A 62 -10.55 18.69 -6.81
N SER A 63 -11.28 19.79 -6.68
CA SER A 63 -10.76 20.96 -6.00
C SER A 63 -11.44 21.14 -4.65
N GLY A 64 -10.80 21.93 -3.78
CA GLY A 64 -11.37 22.30 -2.50
C GLY A 64 -10.99 21.41 -1.34
N VAL A 65 -10.27 20.32 -1.58
CA VAL A 65 -9.92 19.35 -0.55
C VAL A 65 -8.42 19.33 -0.35
N PRO A 66 -7.90 19.81 0.77
CA PRO A 66 -6.44 19.82 0.98
C PRO A 66 -5.87 18.41 1.02
N PRO A 67 -4.71 18.19 0.41
CA PRO A 67 -4.07 16.87 0.50
C PRO A 67 -3.65 16.53 1.92
N LYS A 68 -3.63 15.24 2.22
CA LYS A 68 -3.20 14.76 3.53
C LYS A 68 -2.29 13.56 3.33
N VAL A 69 -1.28 13.47 4.20
CA VAL A 69 -0.26 12.42 4.16
C VAL A 69 -0.17 11.76 5.53
N VAL A 70 -0.08 10.42 5.54
CA VAL A 70 0.10 9.64 6.76
C VAL A 70 1.23 8.64 6.53
N ASN A 71 2.08 8.46 7.54
CA ASN A 71 3.18 7.55 7.34
C ASN A 71 2.75 6.12 7.67
N TYR A 72 3.51 5.16 7.13
CA TYR A 72 3.35 3.75 7.42
C TYR A 72 4.73 3.14 7.40
N GLU A 73 4.93 2.07 8.18
CA GLU A 73 6.28 1.60 8.47
C GLU A 73 6.72 0.43 7.60
N ALA A 74 5.78 -0.32 7.05
CA ALA A 74 6.09 -1.57 6.37
C ALA A 74 5.08 -1.73 5.25
N GLY A 75 5.53 -2.36 4.16
CA GLY A 75 4.71 -2.47 2.98
C GLY A 75 4.86 -3.81 2.30
N GLU A 76 4.09 -3.98 1.24
CA GLU A 76 4.02 -5.20 0.47
C GLU A 76 4.70 -4.98 -0.88
N TRP A 77 5.46 -5.97 -1.35
CA TRP A 77 6.00 -5.88 -2.72
C TRP A 77 4.85 -5.82 -3.70
N ALA A 78 4.93 -4.88 -4.64
CA ALA A 78 3.87 -4.71 -5.62
C ALA A 78 4.27 -5.36 -6.94
N GLU A 79 3.31 -5.99 -7.61
CA GLU A 79 3.50 -6.33 -9.00
C GLU A 79 3.33 -5.11 -9.90
N ASN A 80 2.34 -4.28 -9.61
CA ASN A 80 1.98 -3.15 -10.45
C ASN A 80 2.08 -1.86 -9.65
N CYS A 81 2.84 -0.92 -10.20
CA CYS A 81 2.91 0.46 -9.73
C CYS A 81 2.67 1.38 -10.91
N TYR A 82 2.45 2.66 -10.61
CA TYR A 82 2.09 3.64 -11.62
C TYR A 82 2.89 4.90 -11.39
N ASN A 83 3.18 5.61 -12.48
CA ASN A 83 4.00 6.82 -12.45
C ASN A 83 3.46 7.73 -13.55
N LEU A 84 2.87 8.86 -13.16
CA LEU A 84 2.04 9.66 -14.06
C LEU A 84 2.70 10.98 -14.39
N GLU A 85 2.77 11.30 -15.68
CA GLU A 85 3.17 12.62 -16.20
C GLU A 85 2.05 13.11 -17.12
N ILE A 86 1.04 13.76 -16.54
CA ILE A 86 -0.12 14.23 -17.29
C ILE A 86 -0.09 15.76 -17.34
N LYS A 87 -0.31 16.32 -18.53
CA LYS A 87 -0.49 17.76 -18.72
C LYS A 87 -1.84 18.06 -19.36
N LYS A 88 -2.22 19.34 -19.33
CA LYS A 88 -3.38 19.79 -20.07
C LYS A 88 -3.01 19.96 -21.54
N PRO A 89 -4.00 20.05 -22.43
CA PRO A 89 -3.70 20.36 -23.84
C PRO A 89 -2.84 21.59 -24.04
N ASP A 90 -2.96 22.60 -23.19
CA ASP A 90 -2.10 23.78 -23.28
C ASP A 90 -0.71 23.56 -22.70
N GLY A 91 -0.41 22.37 -22.19
CA GLY A 91 0.93 22.05 -21.74
C GLY A 91 1.21 22.29 -20.27
N SER A 92 0.26 22.81 -19.50
CA SER A 92 0.49 23.03 -18.09
C SER A 92 0.33 21.72 -17.32
N GLU A 93 1.08 21.61 -16.22
CA GLU A 93 1.10 20.38 -15.44
C GLU A 93 -0.23 20.16 -14.72
N CYS A 94 -0.67 18.90 -14.71
CA CYS A 94 -1.88 18.51 -14.00
C CYS A 94 -1.62 18.08 -12.57
N LEU A 95 -0.43 17.54 -12.29
CA LEU A 95 -0.09 17.02 -10.96
C LEU A 95 1.03 17.84 -10.34
N PRO A 96 1.05 17.98 -9.02
CA PRO A 96 2.13 18.75 -8.39
C PRO A 96 3.38 17.92 -8.24
N ALA A 97 4.52 18.61 -8.23
CA ALA A 97 5.79 17.97 -7.94
C ALA A 97 5.77 17.32 -6.56
N ALA A 98 6.45 16.19 -6.45
CA ALA A 98 6.58 15.48 -5.19
C ALA A 98 7.11 16.40 -4.10
N PRO A 99 6.42 16.57 -2.99
CA PRO A 99 6.98 17.34 -1.87
C PRO A 99 8.29 16.72 -1.39
N ASP A 100 9.08 17.57 -0.74
CA ASP A 100 10.35 17.13 -0.14
C ASP A 100 10.15 15.87 0.71
N GLY A 101 11.00 14.87 0.48
CA GLY A 101 11.01 13.67 1.28
C GLY A 101 9.99 12.62 0.90
N ILE A 102 9.28 12.80 -0.19
CA ILE A 102 8.33 11.81 -0.69
C ILE A 102 8.95 11.17 -1.93
N ARG A 103 9.28 9.88 -1.82
CA ARG A 103 9.93 9.09 -2.86
C ARG A 103 9.01 8.01 -3.37
N GLY A 104 9.37 7.42 -4.51
CA GLY A 104 8.55 6.37 -5.08
C GLY A 104 8.43 5.16 -4.18
N PHE A 105 7.35 4.41 -4.40
CA PHE A 105 7.13 3.14 -3.75
C PHE A 105 8.33 2.22 -3.99
N PRO A 106 8.86 1.56 -2.97
CA PRO A 106 10.21 0.96 -3.09
C PRO A 106 10.27 -0.41 -3.76
N ARG A 107 9.14 -1.08 -4.02
CA ARG A 107 9.20 -2.46 -4.53
C ARG A 107 8.09 -2.64 -5.56
N CYS A 108 8.46 -2.57 -6.83
CA CYS A 108 7.51 -2.61 -7.94
C CYS A 108 8.07 -3.52 -9.02
N ARG A 109 7.38 -4.63 -9.30
CA ARG A 109 7.83 -5.49 -10.39
C ARG A 109 7.66 -4.79 -11.74
N TYR A 110 6.54 -4.09 -11.92
CA TYR A 110 6.24 -3.35 -13.14
C TYR A 110 5.83 -1.93 -12.76
N VAL A 111 6.51 -0.95 -13.34
CA VAL A 111 6.14 0.45 -13.17
C VAL A 111 5.48 0.88 -14.48
N HIS A 112 4.18 1.15 -14.41
CA HIS A 112 3.41 1.59 -15.56
C HIS A 112 3.53 3.10 -15.62
N LYS A 113 4.38 3.61 -16.52
CA LYS A 113 4.67 5.02 -16.61
C LYS A 113 3.80 5.59 -17.73
N VAL A 114 2.89 6.49 -17.36
CA VAL A 114 1.90 7.04 -18.28
C VAL A 114 2.22 8.52 -18.48
N SER A 115 2.40 8.92 -19.73
CA SER A 115 2.51 10.32 -20.11
C SER A 115 1.38 10.64 -21.08
N GLY A 116 0.89 11.87 -21.02
CA GLY A 116 -0.14 12.26 -21.95
C GLY A 116 -0.90 13.48 -21.43
N THR A 117 -2.12 13.61 -21.95
CA THR A 117 -2.93 14.80 -21.69
C THR A 117 -4.33 14.41 -21.27
N GLY A 118 -4.96 15.33 -20.53
CA GLY A 118 -6.34 15.24 -20.18
C GLY A 118 -6.82 16.63 -19.78
N PRO A 119 -8.13 16.78 -19.55
CA PRO A 119 -8.60 18.09 -19.06
C PRO A 119 -8.17 18.39 -17.64
N CYS A 120 -8.11 17.40 -16.76
CA CYS A 120 -7.67 17.59 -15.37
C CYS A 120 -8.48 18.69 -14.68
N ALA A 121 -9.78 18.42 -14.54
CA ALA A 121 -10.72 19.45 -14.05
C ALA A 121 -10.78 19.42 -12.52
N GLY A 122 -9.65 19.74 -11.90
CA GLY A 122 -9.55 19.80 -10.45
C GLY A 122 -8.13 19.96 -9.98
N ASP A 123 -7.93 20.52 -8.78
CA ASP A 123 -6.58 20.85 -8.33
C ASP A 123 -5.75 19.61 -8.01
N PHE A 124 -6.37 18.54 -7.53
CA PHE A 124 -5.61 17.35 -7.15
C PHE A 124 -6.34 16.11 -7.61
N ALA A 125 -5.56 15.05 -7.86
CA ALA A 125 -6.12 13.76 -8.24
C ALA A 125 -6.23 12.89 -7.00
N PHE A 126 -7.45 12.44 -6.71
CA PHE A 126 -7.76 11.60 -5.55
C PHE A 126 -8.17 10.21 -5.98
N HIS A 127 -8.18 9.30 -5.02
CA HIS A 127 -8.70 7.95 -5.25
C HIS A 127 -10.22 7.95 -5.11
N LYS A 128 -10.91 7.54 -6.17
CA LYS A 128 -12.37 7.60 -6.17
C LYS A 128 -13.00 6.63 -5.18
N GLU A 129 -12.26 5.64 -4.71
CA GLU A 129 -12.80 4.67 -3.77
C GLU A 129 -12.32 4.93 -2.35
N GLY A 130 -11.64 6.05 -2.12
CA GLY A 130 -11.14 6.40 -0.81
C GLY A 130 -9.84 5.74 -0.43
N ALA A 131 -9.21 4.99 -1.32
CA ALA A 131 -7.94 4.38 -1.01
C ALA A 131 -6.84 5.45 -1.01
N PHE A 132 -5.62 5.01 -0.78
CA PHE A 132 -4.47 5.89 -0.71
C PHE A 132 -3.52 5.59 -1.86
N PHE A 133 -2.68 6.56 -2.15
CA PHE A 133 -1.53 6.35 -3.01
C PHE A 133 -0.33 6.13 -2.11
N LEU A 134 0.25 4.95 -2.19
CA LEU A 134 1.36 4.56 -1.31
C LEU A 134 2.67 4.93 -1.99
N TYR A 135 3.47 5.73 -1.31
CA TYR A 135 4.82 6.06 -1.72
C TYR A 135 5.80 5.40 -0.75
N ASP A 136 7.01 5.92 -0.66
CA ASP A 136 8.00 5.33 0.23
C ASP A 136 7.68 5.62 1.69
N ARG A 137 6.95 4.70 2.34
CA ARG A 137 6.56 4.80 3.74
C ARG A 137 5.74 6.04 4.03
N LEU A 138 5.15 6.63 3.00
CA LEU A 138 4.21 7.73 3.16
C LEU A 138 3.04 7.45 2.24
N ALA A 139 1.84 7.57 2.79
CA ALA A 139 0.59 7.33 2.09
C ALA A 139 -0.10 8.66 1.94
N SER A 140 -0.49 9.00 0.71
CA SER A 140 -1.08 10.28 0.41
C SER A 140 -2.48 10.09 -0.13
N THR A 141 -3.33 11.10 0.10
CA THR A 141 -4.63 11.09 -0.54
C THR A 141 -4.57 11.47 -2.01
N VAL A 142 -3.44 12.01 -2.50
CA VAL A 142 -3.37 12.52 -3.87
C VAL A 142 -2.15 11.99 -4.61
N ILE A 143 -2.19 12.14 -5.94
CA ILE A 143 -1.11 11.68 -6.81
C ILE A 143 -0.14 12.82 -7.02
N TYR A 144 1.17 12.53 -6.92
CA TYR A 144 2.21 13.47 -7.25
C TYR A 144 2.80 13.15 -8.62
N ARG A 145 3.27 14.19 -9.30
CA ARG A 145 3.78 14.05 -10.66
C ARG A 145 5.04 13.19 -10.68
N GLY A 146 5.08 12.24 -11.61
CA GLY A 146 6.31 11.52 -11.88
C GLY A 146 6.84 10.71 -10.72
N THR A 147 5.98 10.33 -9.79
CA THR A 147 6.40 9.64 -8.58
C THR A 147 5.68 8.31 -8.53
N THR A 148 6.46 7.23 -8.53
CA THR A 148 5.90 5.88 -8.55
C THR A 148 5.11 5.57 -7.27
N PHE A 149 3.92 5.01 -7.43
CA PHE A 149 3.08 4.67 -6.30
C PHE A 149 2.36 3.35 -6.54
N ALA A 150 1.92 2.73 -5.45
CA ALA A 150 0.99 1.62 -5.46
C ALA A 150 -0.30 2.07 -4.80
N GLU A 151 -1.43 1.59 -5.32
CA GLU A 151 -2.70 1.84 -4.66
C GLU A 151 -2.81 0.94 -3.44
N GLY A 152 -3.27 1.48 -2.32
CA GLY A 152 -3.41 0.62 -1.16
C GLY A 152 -4.08 1.32 0.00
N VAL A 153 -4.06 0.60 1.13
CA VAL A 153 -4.70 1.02 2.37
C VAL A 153 -3.79 0.64 3.54
N VAL A 154 -4.05 1.26 4.70
CA VAL A 154 -3.16 1.18 5.86
C VAL A 154 -3.90 0.50 7.02
N ALA A 155 -3.17 -0.38 7.73
CA ALA A 155 -3.67 -1.04 8.92
C ALA A 155 -2.77 -0.74 10.11
N PHE A 156 -3.34 -0.80 11.32
CA PHE A 156 -2.61 -0.57 12.55
C PHE A 156 -2.74 -1.78 13.45
N LEU A 157 -1.61 -2.22 14.02
CA LEU A 157 -1.54 -3.50 14.71
C LEU A 157 -0.85 -3.35 16.07
N ILE A 158 -1.32 -4.13 17.03
CA ILE A 158 -0.59 -4.44 18.26
C ILE A 158 0.04 -5.81 18.06
N LEU A 159 1.35 -5.86 18.01
CA LEU A 159 1.97 -7.16 17.87
C LEU A 159 1.96 -7.88 19.23
N PRO A 160 1.97 -9.22 19.21
CA PRO A 160 2.27 -9.95 20.44
C PRO A 160 3.78 -9.91 20.68
N GLN A 161 4.18 -9.55 21.89
CA GLN A 161 5.61 -9.42 22.16
C GLN A 161 6.27 -10.79 22.11
N ALA A 162 7.42 -10.87 21.44
CA ALA A 162 8.09 -12.14 21.21
C ALA A 162 9.39 -12.22 22.01
N SER A 184 15.22 -14.94 -4.20
CA SER A 184 15.17 -13.55 -3.79
C SER A 184 15.54 -12.61 -4.95
N GLY A 185 15.96 -11.40 -4.61
CA GLY A 185 16.34 -10.43 -5.63
C GLY A 185 15.20 -9.51 -6.02
N TYR A 186 15.57 -8.27 -6.35
CA TYR A 186 14.60 -7.25 -6.74
C TYR A 186 14.84 -6.84 -8.18
N TYR A 187 13.84 -7.07 -9.02
CA TYR A 187 13.86 -6.64 -10.41
C TYR A 187 12.66 -5.74 -10.66
N SER A 188 12.85 -4.73 -11.50
CA SER A 188 11.79 -3.78 -11.81
C SER A 188 11.87 -3.40 -13.28
N THR A 189 10.71 -3.27 -13.92
CA THR A 189 10.63 -3.00 -15.34
C THR A 189 9.67 -1.86 -15.59
N THR A 190 10.09 -0.87 -16.36
CA THR A 190 9.25 0.28 -16.64
C THR A 190 8.52 0.03 -17.96
N ILE A 191 7.19 0.07 -17.92
CA ILE A 191 6.37 -0.04 -19.10
C ILE A 191 5.79 1.33 -19.38
N ARG A 192 6.07 1.87 -20.56
CA ARG A 192 5.71 3.24 -20.89
C ARG A 192 4.47 3.28 -21.77
N TYR A 193 3.58 4.21 -21.47
CA TYR A 193 2.35 4.42 -22.21
C TYR A 193 2.18 5.89 -22.52
N GLN A 194 1.41 6.16 -23.57
CA GLN A 194 0.93 7.50 -23.87
C GLN A 194 -0.59 7.48 -23.82
N ALA A 195 -1.17 8.61 -23.41
CA ALA A 195 -2.60 8.69 -23.18
C ALA A 195 -3.15 10.01 -23.70
N THR A 196 -4.39 9.96 -24.19
CA THR A 196 -5.14 11.15 -24.52
C THR A 196 -6.48 11.09 -23.80
N GLY A 197 -7.04 12.27 -23.53
CA GLY A 197 -8.28 12.33 -22.76
C GLY A 197 -8.19 11.66 -21.42
N PHE A 198 -7.07 11.84 -20.72
CA PHE A 198 -6.86 11.17 -19.44
C PHE A 198 -7.88 11.62 -18.42
N GLY A 199 -8.40 10.66 -17.64
CA GLY A 199 -9.36 10.98 -16.60
C GLY A 199 -10.77 11.25 -17.08
N THR A 200 -11.15 10.79 -18.27
CA THR A 200 -12.49 10.98 -18.79
C THR A 200 -13.10 9.62 -19.15
N ASN A 201 -14.25 9.65 -19.82
CA ASN A 201 -14.85 8.43 -20.35
C ASN A 201 -14.30 8.05 -21.72
N GLU A 202 -13.63 8.98 -22.40
CA GLU A 202 -13.08 8.71 -23.73
C GLU A 202 -11.56 8.75 -23.70
N THR A 203 -10.95 8.05 -22.75
CA THR A 203 -9.50 7.97 -22.67
C THR A 203 -8.98 6.89 -23.60
N GLU A 204 -7.86 7.17 -24.27
CA GLU A 204 -7.22 6.22 -25.16
C GLU A 204 -5.76 6.07 -24.79
N TYR A 205 -5.27 4.83 -24.82
CA TYR A 205 -3.92 4.50 -24.39
C TYR A 205 -3.15 3.82 -25.51
N LEU A 206 -1.84 4.07 -25.52
CA LEU A 206 -0.93 3.40 -26.43
C LEU A 206 0.24 2.86 -25.62
N PHE A 207 0.60 1.61 -25.84
CA PHE A 207 1.82 1.06 -25.27
C PHE A 207 3.00 1.45 -26.16
N GLU A 208 4.07 1.95 -25.53
CA GLU A 208 5.21 2.49 -26.27
C GLU A 208 6.27 1.41 -26.47
N VAL A 209 6.62 1.16 -27.73
CA VAL A 209 7.70 0.23 -28.07
C VAL A 209 9.01 0.97 -28.30
N ASP A 210 9.00 1.99 -29.17
CA ASP A 210 10.01 3.03 -29.16
C ASP A 210 9.27 4.36 -29.37
N ASN A 211 10.02 5.44 -29.58
CA ASN A 211 9.39 6.74 -29.70
C ASN A 211 8.52 6.89 -30.95
N LEU A 212 8.58 5.91 -31.87
CA LEU A 212 7.81 5.96 -33.09
C LEU A 212 7.01 4.69 -33.37
N THR A 213 7.04 3.70 -32.47
CA THR A 213 6.26 2.48 -32.63
C THR A 213 5.42 2.26 -31.39
N TYR A 214 4.11 2.14 -31.58
CA TYR A 214 3.17 1.99 -30.48
C TYR A 214 2.18 0.86 -30.79
N VAL A 215 1.63 0.29 -29.73
CA VAL A 215 0.59 -0.73 -29.83
C VAL A 215 -0.65 -0.20 -29.14
N GLN A 216 -1.80 -0.30 -29.81
CA GLN A 216 -3.04 0.11 -29.18
C GLN A 216 -3.36 -0.81 -28.01
N LEU A 217 -3.66 -0.22 -26.86
CA LEU A 217 -3.71 -0.95 -25.60
C LEU A 217 -5.14 -1.37 -25.27
N GLU A 218 -5.28 -2.60 -24.78
CA GLU A 218 -6.54 -3.14 -24.29
C GLU A 218 -6.40 -3.49 -22.81
N SER A 219 -7.52 -3.48 -22.09
CA SER A 219 -7.50 -3.86 -20.68
C SER A 219 -7.03 -5.30 -20.50
N ARG A 220 -7.22 -6.13 -21.53
CA ARG A 220 -6.87 -7.55 -21.47
C ARG A 220 -5.36 -7.77 -21.34
N PHE A 221 -4.54 -6.79 -21.70
CA PHE A 221 -3.11 -7.02 -21.89
C PHE A 221 -2.41 -7.01 -20.53
N THR A 222 -1.78 -8.13 -20.19
CA THR A 222 -0.96 -8.24 -18.99
C THR A 222 0.43 -7.64 -19.23
N PRO A 223 1.15 -7.31 -18.15
CA PRO A 223 2.55 -6.85 -18.32
C PRO A 223 3.42 -7.80 -19.13
N GLN A 224 3.40 -9.10 -18.79
CA GLN A 224 4.29 -10.03 -19.50
C GLN A 224 3.90 -10.19 -20.95
N PHE A 225 2.61 -10.08 -21.27
CA PHE A 225 2.23 -10.07 -22.68
C PHE A 225 2.78 -8.82 -23.38
N LEU A 226 2.69 -7.67 -22.73
CA LEU A 226 3.23 -6.44 -23.31
C LEU A 226 4.74 -6.55 -23.53
N LEU A 227 5.45 -7.06 -22.52
CA LEU A 227 6.90 -7.25 -22.67
C LEU A 227 7.21 -8.30 -23.74
N GLN A 228 6.36 -9.33 -23.84
CA GLN A 228 6.54 -10.33 -24.89
C GLN A 228 6.36 -9.71 -26.26
N LEU A 229 5.25 -8.98 -26.44
CA LEU A 229 4.94 -8.42 -27.75
C LEU A 229 5.99 -7.39 -28.15
N ASN A 230 6.47 -6.63 -27.15
CA ASN A 230 7.54 -5.69 -27.40
C ASN A 230 8.75 -6.44 -27.96
N GLU A 231 9.21 -7.48 -27.26
CA GLU A 231 10.36 -8.28 -27.69
C GLU A 231 10.17 -8.83 -29.10
N THR A 232 9.02 -9.45 -29.38
CA THR A 232 8.75 -9.97 -30.72
C THR A 232 8.79 -8.86 -31.78
N ILE A 233 8.38 -7.64 -31.41
CA ILE A 233 8.40 -6.55 -32.38
C ILE A 233 9.84 -6.18 -32.73
N TYR A 234 10.71 -6.07 -31.72
CA TYR A 234 12.11 -5.78 -31.99
C TYR A 234 12.78 -6.89 -32.78
N THR A 235 12.63 -8.14 -32.32
CA THR A 235 13.32 -9.26 -32.97
C THR A 235 12.80 -9.49 -34.39
N SER A 236 11.47 -9.55 -34.55
CA SER A 236 10.93 -9.67 -35.90
C SER A 236 11.19 -8.44 -36.75
N GLY A 237 11.59 -7.33 -36.14
CA GLY A 237 11.92 -6.13 -36.90
C GLY A 237 10.70 -5.42 -37.44
N LYS A 238 9.69 -5.23 -36.60
CA LYS A 238 8.45 -4.58 -37.01
C LYS A 238 8.27 -3.23 -36.32
N ARG A 239 9.39 -2.60 -35.95
CA ARG A 239 9.38 -1.23 -35.50
C ARG A 239 9.25 -0.29 -36.70
N SER A 240 8.82 0.94 -36.41
CA SER A 240 8.70 1.93 -37.48
C SER A 240 10.06 2.17 -38.12
N ASN A 241 10.08 2.16 -39.45
CA ASN A 241 11.35 2.49 -40.11
C ASN A 241 11.14 3.68 -41.04
N THR A 242 10.79 4.81 -40.43
CA THR A 242 10.32 6.03 -41.10
C THR A 242 10.41 7.16 -40.08
N THR A 243 10.22 8.39 -40.58
CA THR A 243 10.04 9.54 -39.70
C THR A 243 8.73 9.44 -38.91
N GLY A 244 7.74 8.72 -39.45
CA GLY A 244 6.39 8.79 -38.95
C GLY A 244 6.07 7.80 -37.86
N LYS A 245 4.87 7.96 -37.30
CA LYS A 245 4.42 7.19 -36.16
C LYS A 245 3.73 5.91 -36.63
N LEU A 246 4.17 4.77 -36.12
CA LEU A 246 3.61 3.47 -36.46
C LEU A 246 2.85 2.93 -35.26
N ILE A 247 1.55 2.72 -35.43
CA ILE A 247 0.67 2.21 -34.38
C ILE A 247 0.20 0.82 -34.79
N TRP A 248 0.56 -0.19 -34.02
CA TRP A 248 0.09 -1.55 -34.25
C TRP A 248 -1.21 -1.79 -33.49
N LYS A 249 -2.05 -2.66 -34.04
CA LYS A 249 -3.31 -3.05 -33.42
C LYS A 249 -3.37 -4.56 -33.33
N VAL A 250 -3.90 -5.05 -32.23
CA VAL A 250 -3.96 -6.48 -31.94
C VAL A 250 -5.44 -6.88 -31.96
N ASN A 251 -5.82 -7.65 -32.97
CA ASN A 251 -7.22 -8.04 -33.12
C ASN A 251 -7.58 -9.16 -32.14
N PRO A 252 -8.87 -9.30 -31.80
CA PRO A 252 -9.23 -10.05 -30.59
C PRO A 252 -8.88 -11.53 -30.62
N GLU A 253 -8.49 -12.06 -31.77
CA GLU A 253 -8.38 -13.51 -31.96
C GLU A 253 -7.38 -14.15 -31.00
N ILE A 254 -6.28 -13.49 -30.72
CA ILE A 254 -5.18 -14.07 -29.94
C ILE A 254 -5.46 -13.90 -28.46
N ASP A 255 -4.96 -14.85 -27.66
CA ASP A 255 -5.15 -14.83 -26.22
C ASP A 255 -3.95 -14.21 -25.52
N THR A 256 -4.20 -13.62 -24.36
CA THR A 256 -3.19 -12.88 -23.61
C THR A 256 -3.15 -13.40 -22.18
N THR A 257 -4.31 -13.79 -21.66
CA THR A 257 -4.44 -14.28 -20.29
C THR A 257 -4.64 -15.79 -20.25
N TRP A 261 -7.55 -14.33 -13.77
CA TRP A 261 -6.66 -14.85 -12.74
C TRP A 261 -5.75 -13.77 -12.18
N ALA A 262 -5.53 -13.81 -10.86
CA ALA A 262 -4.67 -12.84 -10.21
C ALA A 262 -3.20 -13.21 -10.41
N PHE A 263 -2.33 -12.23 -10.16
CA PHE A 263 -0.92 -12.39 -10.50
C PHE A 263 -0.24 -13.48 -9.67
N TRP A 264 -0.69 -13.71 -8.44
CA TRP A 264 0.02 -14.61 -7.53
C TRP A 264 -0.37 -16.07 -7.71
N GLU A 265 -1.53 -16.36 -8.32
CA GLU A 265 -1.95 -17.73 -8.54
C GLU A 265 -1.59 -18.24 -9.93
N THR A 266 -1.12 -17.37 -10.82
CA THR A 266 -0.61 -17.78 -12.12
C THR A 266 0.62 -16.95 -12.50
N LEU A 279 1.89 -15.86 -35.44
CA LEU A 279 1.64 -14.42 -35.50
C LEU A 279 2.23 -13.82 -36.77
N SER A 280 1.65 -12.73 -37.26
CA SER A 280 2.31 -11.93 -38.28
C SER A 280 1.61 -10.59 -38.42
N PHE A 281 2.37 -9.62 -38.88
CA PHE A 281 1.99 -8.22 -38.92
C PHE A 281 1.88 -7.74 -40.36
N THR A 282 0.94 -6.84 -40.61
CA THR A 282 0.74 -6.29 -41.96
C THR A 282 0.27 -4.85 -41.86
N VAL A 283 0.91 -3.96 -42.63
CA VAL A 283 0.55 -2.54 -42.65
C VAL A 283 -0.69 -2.36 -43.52
N VAL A 284 -1.52 -1.38 -43.16
CA VAL A 284 -2.77 -1.14 -43.88
C VAL A 284 -3.24 0.30 -43.64
N SER A 285 -2.29 1.23 -43.68
CA SER A 285 -2.59 2.65 -43.49
C SER A 285 -3.62 3.15 -44.51
N UNK A 286 0.83 9.44 -38.92
CA UNK A 286 0.11 8.24 -38.50
C UNK A 286 0.22 7.13 -39.54
N UNK A 287 0.18 5.88 -39.08
CA UNK A 287 0.23 4.73 -39.97
C UNK A 287 -0.36 3.54 -39.21
N UNK A 288 -1.57 3.13 -39.60
CA UNK A 288 -2.25 2.04 -38.93
C UNK A 288 -1.80 0.68 -39.50
N UNK A 289 -2.05 -0.36 -38.73
CA UNK A 289 -1.62 -1.72 -39.10
C UNK A 289 -2.35 -2.72 -38.22
N UNK A 290 -2.02 -4.00 -38.38
CA UNK A 290 -2.74 -5.04 -37.65
C UNK A 290 -1.83 -6.23 -37.39
N UNK A 291 -1.91 -6.76 -36.17
CA UNK A 291 -1.15 -7.93 -35.75
C UNK A 291 -2.14 -9.09 -35.62
N UNK A 292 -2.14 -9.98 -36.60
CA UNK A 292 -3.09 -11.09 -36.64
C UNK A 292 -2.52 -12.35 -36.01
N GLU B 1 -14.66 -6.93 17.65
CA GLU B 1 -15.20 -7.75 16.57
C GLU B 1 -14.12 -8.61 15.93
N ALA B 2 -14.51 -9.80 15.46
CA ALA B 2 -13.63 -10.57 14.61
C ALA B 2 -13.76 -10.08 13.17
N ILE B 3 -12.70 -10.26 12.39
CA ILE B 3 -12.58 -9.65 11.07
C ILE B 3 -12.94 -10.66 9.99
N VAL B 4 -13.86 -10.27 9.11
CA VAL B 4 -14.39 -11.11 8.04
C VAL B 4 -13.90 -10.55 6.72
N ASN B 5 -12.96 -11.22 6.04
CA ASN B 5 -12.53 -10.77 4.72
C ASN B 5 -13.69 -10.90 3.74
N ALA B 6 -14.04 -9.79 3.09
CA ALA B 6 -15.15 -9.76 2.13
C ALA B 6 -14.70 -9.15 0.80
N GLN B 7 -13.43 -9.39 0.42
CA GLN B 7 -12.82 -8.91 -0.81
C GLN B 7 -13.08 -9.88 -1.95
N PRO B 8 -13.01 -9.41 -3.20
CA PRO B 8 -13.14 -10.36 -4.34
C PRO B 8 -12.13 -11.49 -4.27
N LYS B 9 -10.90 -11.20 -3.85
CA LYS B 9 -9.85 -12.22 -3.72
C LYS B 9 -8.95 -11.86 -2.55
N CYS B 10 -8.06 -12.80 -2.22
CA CYS B 10 -7.06 -12.58 -1.17
C CYS B 10 -5.77 -13.23 -1.60
N ASN B 11 -4.70 -12.45 -1.59
CA ASN B 11 -3.38 -13.03 -1.73
C ASN B 11 -2.95 -13.50 -0.34
N PRO B 12 -2.86 -14.81 -0.10
CA PRO B 12 -2.64 -15.30 1.27
C PRO B 12 -1.21 -15.15 1.77
N ASN B 13 -0.29 -14.71 0.93
CA ASN B 13 1.10 -14.54 1.35
C ASN B 13 1.46 -13.06 1.31
N LEU B 14 2.23 -12.64 2.31
CA LEU B 14 2.63 -11.25 2.45
C LEU B 14 4.14 -11.19 2.21
N HIS B 15 4.52 -10.80 1.00
CA HIS B 15 5.92 -10.53 0.68
C HIS B 15 6.14 -9.07 1.03
N TYR B 16 6.76 -8.83 2.17
CA TYR B 16 6.80 -7.48 2.72
C TYR B 16 8.19 -6.87 2.63
N TRP B 17 8.22 -5.55 2.71
CA TRP B 17 9.47 -4.81 2.86
C TRP B 17 9.30 -3.89 4.05
N THR B 18 10.41 -3.65 4.75
CA THR B 18 10.42 -2.68 5.83
C THR B 18 11.86 -2.22 6.04
N THR B 19 12.05 -1.29 6.96
CA THR B 19 13.38 -0.84 7.35
C THR B 19 13.82 -1.58 8.60
N GLN B 20 15.13 -1.76 8.75
CA GLN B 20 15.63 -2.33 9.98
C GLN B 20 15.91 -1.25 11.02
N GLY B 23 19.54 -1.65 12.77
CA GLY B 23 20.04 -2.80 13.49
C GLY B 23 21.56 -2.87 13.55
N ALA B 24 22.10 -3.99 14.00
CA ALA B 24 23.54 -4.16 14.12
C ALA B 24 24.24 -3.97 12.77
N ALA B 25 24.90 -2.82 12.60
CA ALA B 25 25.53 -2.49 11.33
C ALA B 25 26.87 -3.21 11.19
N ILE B 26 27.42 -3.13 9.98
CA ILE B 26 28.71 -3.73 9.66
C ILE B 26 29.70 -2.60 9.41
N GLY B 27 30.66 -2.46 10.32
CA GLY B 27 31.74 -1.50 10.12
C GLY B 27 31.24 -0.08 10.12
N LEU B 28 31.44 0.61 8.99
CA LEU B 28 31.10 2.01 8.83
C LEU B 28 29.73 2.23 8.21
N ALA B 29 28.98 1.16 7.96
CA ALA B 29 27.75 1.26 7.17
C ALA B 29 26.67 2.12 7.83
N TRP B 30 26.80 2.45 9.11
CA TRP B 30 25.84 3.32 9.80
C TRP B 30 26.09 4.80 9.51
N ILE B 31 27.29 5.15 9.07
CA ILE B 31 27.64 6.53 8.74
C ILE B 31 26.95 6.91 7.44
N PRO B 32 26.05 7.90 7.45
CA PRO B 32 25.31 8.25 6.20
C PRO B 32 26.21 8.41 4.99
N TYR B 33 27.37 9.04 5.16
CA TYR B 33 28.28 9.25 4.04
C TYR B 33 28.71 7.94 3.38
N PHE B 34 28.87 6.87 4.17
CA PHE B 34 29.35 5.60 3.64
C PHE B 34 28.24 4.58 3.41
N GLY B 35 27.06 4.78 3.97
CA GLY B 35 26.05 3.75 3.99
C GLY B 35 25.20 3.67 2.74
N PRO B 36 24.13 2.87 2.79
CA PRO B 36 23.30 2.65 1.60
C PRO B 36 22.57 3.92 1.18
N ALA B 37 22.21 3.93 -0.10
CA ALA B 37 21.31 4.95 -0.63
C ALA B 37 19.87 4.61 -0.24
N ALA B 38 18.97 5.54 -0.57
CA ALA B 38 17.55 5.38 -0.24
C ALA B 38 17.00 4.04 -0.71
N GLU B 39 17.45 3.57 -1.87
CA GLU B 39 16.95 2.31 -2.41
C GLU B 39 17.41 1.08 -1.62
N GLY B 40 18.45 1.21 -0.79
CA GLY B 40 19.08 0.04 -0.23
C GLY B 40 18.96 -0.12 1.28
N ILE B 41 17.97 0.53 1.90
CA ILE B 41 17.79 0.46 3.34
C ILE B 41 16.75 -0.57 3.76
N TYR B 42 16.22 -1.34 2.83
CA TYR B 42 15.07 -2.18 3.11
C TYR B 42 15.48 -3.62 3.37
N ILE B 43 14.80 -4.24 4.32
CA ILE B 43 14.84 -5.69 4.46
C ILE B 43 13.52 -6.24 3.95
N GLU B 44 13.54 -7.53 3.62
CA GLU B 44 12.37 -8.21 3.08
C GLU B 44 12.09 -9.47 3.90
N GLY B 45 10.81 -9.86 3.89
CA GLY B 45 10.43 -11.13 4.47
C GLY B 45 9.17 -11.63 3.81
N LEU B 46 8.79 -12.86 4.18
CA LEU B 46 7.61 -13.52 3.63
C LEU B 46 6.82 -14.13 4.77
N MET B 47 5.55 -13.75 4.90
CA MET B 47 4.65 -14.36 5.86
C MET B 47 3.52 -15.08 5.14
N HIS B 48 3.21 -16.29 5.60
CA HIS B 48 2.11 -17.07 5.08
C HIS B 48 0.87 -16.88 5.95
N ASN B 49 -0.24 -17.45 5.50
CA ASN B 49 -1.57 -17.14 6.05
C ASN B 49 -1.93 -17.98 7.28
N GLN B 50 -0.97 -18.28 8.15
CA GLN B 50 -1.30 -19.01 9.37
C GLN B 50 -2.31 -18.23 10.19
N ASP B 51 -3.29 -18.95 10.75
CA ASP B 51 -4.38 -18.34 11.51
C ASP B 51 -5.17 -17.33 10.70
N GLY B 52 -5.08 -17.40 9.37
CA GLY B 52 -5.77 -16.45 8.52
C GLY B 52 -5.38 -15.02 8.72
N LEU B 53 -4.21 -14.76 9.31
CA LEU B 53 -3.83 -13.39 9.64
C LEU B 53 -3.60 -12.52 8.41
N ILE B 54 -3.09 -13.07 7.31
CA ILE B 54 -2.83 -12.23 6.14
C ILE B 54 -4.13 -11.78 5.51
N CYS B 55 -5.04 -12.72 5.24
CA CYS B 55 -6.33 -12.34 4.67
C CYS B 55 -7.11 -11.45 5.63
N GLY B 56 -6.99 -11.70 6.93
CA GLY B 56 -7.60 -10.79 7.89
C GLY B 56 -6.97 -9.41 7.86
N LEU B 57 -5.63 -9.34 7.77
CA LEU B 57 -4.95 -8.05 7.70
C LEU B 57 -5.42 -7.23 6.49
N ARG B 58 -5.57 -7.87 5.33
CA ARG B 58 -6.04 -7.12 4.16
C ARG B 58 -7.42 -6.53 4.41
N GLN B 59 -8.31 -7.31 5.02
CA GLN B 59 -9.64 -6.79 5.35
C GLN B 59 -9.55 -5.68 6.38
N LEU B 60 -8.61 -5.82 7.34
CA LEU B 60 -8.49 -4.82 8.38
C LEU B 60 -8.03 -3.48 7.81
N ALA B 61 -7.00 -3.51 6.97
CA ALA B 61 -6.55 -2.28 6.30
C ALA B 61 -7.69 -1.65 5.52
N ASN B 62 -8.46 -2.46 4.81
CA ASN B 62 -9.60 -1.95 4.04
C ASN B 62 -10.60 -1.26 4.95
N GLU B 63 -10.99 -1.90 6.06
CA GLU B 63 -12.00 -1.35 6.96
C GLU B 63 -11.48 -0.18 7.78
N THR B 64 -10.16 -0.05 7.95
CA THR B 64 -9.58 1.09 8.65
C THR B 64 -9.72 2.38 7.88
N THR B 65 -9.93 2.31 6.55
CA THR B 65 -9.76 3.49 5.70
C THR B 65 -10.73 4.61 6.06
N GLN B 66 -11.99 4.28 6.34
CA GLN B 66 -12.97 5.33 6.62
C GLN B 66 -12.55 6.17 7.81
N ALA B 67 -12.29 5.52 8.95
CA ALA B 67 -11.90 6.25 10.14
C ALA B 67 -10.59 6.99 9.92
N LEU B 68 -9.64 6.37 9.22
CA LEU B 68 -8.37 7.04 8.97
C LEU B 68 -8.58 8.30 8.14
N GLN B 69 -9.35 8.19 7.06
CA GLN B 69 -9.62 9.34 6.20
C GLN B 69 -10.34 10.46 6.96
N LEU B 70 -11.34 10.10 7.77
CA LEU B 70 -12.02 11.10 8.59
C LEU B 70 -11.08 11.76 9.57
N PHE B 71 -10.13 11.00 10.11
CA PHE B 71 -9.12 11.60 10.96
C PHE B 71 -8.25 12.57 10.15
N LEU B 72 -7.86 12.18 8.94
CA LEU B 72 -7.01 13.05 8.14
C LEU B 72 -7.76 14.31 7.72
N ARG B 73 -9.06 14.18 7.44
CA ARG B 73 -9.85 15.34 7.06
C ARG B 73 -9.84 16.38 8.17
N ALA B 74 -9.86 15.93 9.41
CA ALA B 74 -10.04 16.83 10.55
C ALA B 74 -8.73 17.39 11.09
N THR B 75 -7.59 16.80 10.76
CA THR B 75 -6.33 17.35 11.22
C THR B 75 -5.80 18.38 10.23
N THR B 76 -4.93 19.25 10.73
CA THR B 76 -4.27 20.27 9.93
C THR B 76 -2.79 19.98 9.74
N GLU B 77 -2.25 18.97 10.41
CA GLU B 77 -0.92 18.49 10.08
C GLU B 77 -0.89 18.04 8.64
N LEU B 78 0.11 18.50 7.90
CA LEU B 78 0.27 18.04 6.52
C LEU B 78 0.69 16.57 6.48
N ARG B 79 1.59 16.17 7.36
CA ARG B 79 2.05 14.78 7.45
C ARG B 79 1.90 14.29 8.87
N THR B 80 1.18 13.18 9.05
CA THR B 80 0.83 12.67 10.37
C THR B 80 1.71 11.48 10.72
N PHE B 81 2.53 11.62 11.77
CA PHE B 81 3.39 10.56 12.27
C PHE B 81 3.01 10.06 13.66
N SER B 82 1.95 10.59 14.27
CA SER B 82 1.75 10.44 15.71
C SER B 82 0.63 9.45 16.06
N ILE B 83 0.07 8.75 15.08
CA ILE B 83 -1.11 7.92 15.36
C ILE B 83 -0.77 6.81 16.36
N LEU B 84 0.35 6.11 16.14
CA LEU B 84 0.68 5.00 17.03
C LEU B 84 1.10 5.49 18.40
N ASN B 85 1.81 6.62 18.47
CA ASN B 85 2.19 7.16 19.76
C ASN B 85 0.96 7.55 20.57
N ARG B 86 -0.03 8.15 19.92
CA ARG B 86 -1.25 8.49 20.62
C ARG B 86 -2.02 7.25 21.06
N LYS B 87 -1.99 6.18 20.27
CA LYS B 87 -2.61 4.94 20.71
C LYS B 87 -1.95 4.44 21.99
N ALA B 88 -0.62 4.50 22.05
CA ALA B 88 0.09 4.07 23.25
C ALA B 88 -0.31 4.89 24.44
N ILE B 89 -0.43 6.22 24.27
CA ILE B 89 -0.87 7.06 25.37
C ILE B 89 -2.29 6.69 25.80
N ASP B 90 -3.19 6.51 24.83
CA ASP B 90 -4.57 6.19 25.16
C ASP B 90 -4.69 4.82 25.83
N PHE B 91 -3.83 3.88 25.48
CA PHE B 91 -3.77 2.61 26.18
C PHE B 91 -3.47 2.81 27.65
N LEU B 92 -2.44 3.61 27.94
CA LEU B 92 -2.07 3.90 29.33
C LEU B 92 -3.17 4.66 30.06
N LEU B 93 -3.79 5.65 29.39
CA LEU B 93 -4.84 6.41 30.07
C LEU B 93 -6.03 5.53 30.39
N GLN B 94 -6.32 4.54 29.55
CA GLN B 94 -7.44 3.65 29.81
C GLN B 94 -7.22 2.86 31.11
N ARG B 95 -6.01 2.34 31.31
CA ARG B 95 -5.75 1.50 32.46
C ARG B 95 -5.39 2.31 33.69
N TRP B 96 -4.68 3.42 33.52
CA TRP B 96 -4.11 4.14 34.64
C TRP B 96 -4.54 5.61 34.71
N GLY B 97 -5.57 6.00 33.96
CA GLY B 97 -6.00 7.39 33.97
C GLY B 97 -6.81 7.80 35.18
N GLY B 98 -7.27 6.83 35.99
CA GLY B 98 -7.98 7.16 37.20
C GLY B 98 -7.48 6.35 38.36
N THR B 99 -8.24 6.36 39.46
CA THR B 99 -7.87 5.55 40.61
C THR B 99 -8.11 4.08 40.29
N CYS B 100 -7.11 3.26 40.57
CA CYS B 100 -7.22 1.83 40.30
C CYS B 100 -7.78 1.14 41.54
N HIS B 101 -9.04 0.73 41.47
CA HIS B 101 -9.69 0.00 42.57
C HIS B 101 -9.31 -1.48 42.44
N ILE B 102 -8.50 -1.98 43.38
CA ILE B 102 -8.04 -3.35 43.30
C ILE B 102 -9.22 -4.32 43.27
N LEU B 103 -9.10 -5.35 42.42
CA LEU B 103 -10.05 -6.40 42.02
C LEU B 103 -11.23 -5.88 41.21
N GLY B 104 -11.32 -4.58 40.95
CA GLY B 104 -12.28 -4.08 39.98
C GLY B 104 -11.94 -4.55 38.59
N PRO B 105 -12.91 -4.52 37.68
CA PRO B 105 -12.67 -5.06 36.33
C PRO B 105 -11.78 -4.18 35.47
N ASP B 106 -11.71 -2.87 35.72
CA ASP B 106 -10.89 -1.97 34.93
C ASP B 106 -9.57 -1.63 35.62
N CYS B 107 -9.02 -2.57 36.39
CA CYS B 107 -7.87 -2.30 37.25
C CYS B 107 -6.92 -3.48 37.14
N CYS B 108 -5.72 -3.23 36.60
CA CYS B 108 -4.79 -4.29 36.20
C CYS B 108 -3.68 -4.48 37.23
N ILE B 109 -4.05 -4.79 38.47
CA ILE B 109 -3.09 -5.21 39.50
C ILE B 109 -3.51 -6.54 40.07
N GLU B 110 -2.57 -7.47 40.11
CA GLU B 110 -2.82 -8.80 40.62
C GLU B 110 -2.22 -8.90 42.02
N PRO B 111 -3.02 -9.06 43.06
CA PRO B 111 -2.45 -9.41 44.36
C PRO B 111 -2.49 -10.91 44.62
N ALA B 112 -2.28 -11.73 43.58
CA ALA B 112 -2.36 -13.18 43.76
C ALA B 112 -1.28 -13.68 44.70
N ASP B 113 -0.02 -13.39 44.39
CA ASP B 113 1.07 -13.75 45.29
C ASP B 113 0.94 -13.02 46.63
N TRP B 114 0.49 -11.76 46.60
CA TRP B 114 0.41 -11.04 47.86
C TRP B 114 -0.79 -11.45 48.72
N THR B 115 -1.72 -12.23 48.17
CA THR B 115 -2.63 -12.97 49.04
C THR B 115 -1.88 -14.13 49.70
N LYS B 116 -1.09 -14.86 48.91
CA LYS B 116 -0.32 -15.99 49.42
C LYS B 116 0.66 -15.54 50.49
N ASN B 117 1.27 -14.36 50.31
CA ASN B 117 2.28 -13.89 51.25
C ASN B 117 1.68 -13.59 52.62
N ILE B 118 0.40 -13.25 52.67
CA ILE B 118 -0.31 -13.05 53.93
C ILE B 118 -1.23 -14.20 54.29
N THR B 119 -1.54 -15.09 53.34
CA THR B 119 -2.12 -16.38 53.70
C THR B 119 -1.09 -17.27 54.37
N ASP B 120 0.19 -17.13 54.00
CA ASP B 120 1.26 -17.74 54.77
C ASP B 120 1.41 -17.06 56.13
N LYS B 121 1.02 -15.79 56.23
CA LYS B 121 1.10 -15.04 57.48
C LYS B 121 -0.13 -15.23 58.37
N ILE B 122 -1.08 -16.07 57.97
CA ILE B 122 -2.07 -16.55 58.94
C ILE B 122 -1.41 -17.54 59.88
N ASP B 123 -0.36 -18.21 59.41
CA ASP B 123 0.48 -19.06 60.24
C ASP B 123 1.60 -18.26 60.90
N GLN B 124 1.28 -17.06 61.38
CA GLN B 124 2.25 -16.18 62.02
C GLN B 124 2.07 -16.12 63.53
N ILE B 125 0.88 -15.77 64.01
CA ILE B 125 0.67 -15.48 65.42
C ILE B 125 -0.21 -16.54 66.09
N ILE B 126 -1.35 -16.92 65.48
CA ILE B 126 -2.13 -18.01 66.06
C ILE B 126 -1.76 -19.35 65.47
N HIS B 127 -0.76 -19.39 64.59
CA HIS B 127 0.07 -20.57 64.43
C HIS B 127 0.74 -20.82 65.77
N ASP B 128 1.66 -19.92 66.13
CA ASP B 128 2.38 -19.98 67.40
C ASP B 128 1.70 -19.07 68.41
N PHE B 129 0.52 -19.52 68.86
CA PHE B 129 -0.24 -18.81 69.89
C PHE B 129 -0.12 -19.56 71.20
N VAL B 130 1.09 -19.83 71.65
CA VAL B 130 1.34 -20.59 72.85
C VAL B 130 0.95 -19.79 74.10
C1 NAG C . -12.88 -2.05 0.84
C2 NAG C . -12.70 -0.97 -0.23
C3 NAG C . -14.00 -0.76 -1.00
C4 NAG C . -14.55 -2.08 -1.53
C5 NAG C . -14.64 -3.11 -0.41
C6 NAG C . -15.02 -4.48 -0.91
C7 NAG C . -11.14 0.92 0.00
C8 NAG C . -10.88 2.22 0.69
N2 NAG C . -12.28 0.29 0.35
O3 NAG C . -13.74 0.17 -2.05
O4 NAG C . -15.86 -1.91 -2.04
O5 NAG C . -13.38 -3.25 0.25
O6 NAG C . -14.04 -4.99 -1.80
O7 NAG C . -10.36 0.44 -0.80
C1 NAG C . -15.83 -1.36 -3.39
C2 NAG C . -16.79 -2.10 -4.32
C3 NAG C . -16.75 -1.48 -5.70
C4 NAG C . -17.03 0.03 -5.63
C5 NAG C . -16.12 0.71 -4.62
C6 NAG C . -16.50 2.15 -4.36
C7 NAG C . -17.22 -4.46 -3.77
C8 NAG C . -16.75 -5.87 -3.94
N2 NAG C . -16.47 -3.52 -4.38
O3 NAG C . -17.70 -2.11 -6.53
O4 NAG C . -16.83 0.62 -6.90
O5 NAG C . -16.17 0.04 -3.34
O6 NAG C . -15.70 2.74 -3.35
O7 NAG C . -18.21 -4.17 -3.11
C1 NAG D . 11.40 -3.82 -25.34
C2 NAG D . 11.99 -3.36 -23.95
C3 NAG D . 13.37 -2.70 -24.14
C4 NAG D . 14.26 -3.66 -24.90
C5 NAG D . 13.62 -3.98 -26.24
C6 NAG D . 14.39 -4.95 -27.10
C7 NAG D . 10.44 -2.79 -22.11
C8 NAG D . 9.51 -1.72 -21.57
N2 NAG D . 11.11 -2.47 -23.23
O3 NAG D . 13.99 -2.36 -22.90
O4 NAG D . 15.53 -3.08 -25.18
O5 NAG D . 12.34 -4.63 -26.01
O6 NAG D . 15.29 -5.73 -26.33
O7 NAG D . 10.58 -3.87 -21.56
C1 NAG E . 12.23 9.54 -26.77
C2 NAG E . 13.75 9.73 -26.72
C3 NAG E . 14.17 10.26 -25.36
C4 NAG E . 13.40 11.53 -25.02
C5 NAG E . 11.90 11.27 -25.13
C6 NAG E . 11.07 12.52 -24.92
C7 NAG E . 15.15 8.31 -28.14
C8 NAG E . 15.81 6.96 -28.28
N2 NAG E . 14.45 8.49 -27.02
O3 NAG E . 15.57 10.53 -25.39
O4 NAG E . 13.72 11.97 -23.71
O5 NAG E . 11.57 10.78 -26.43
O6 NAG E . 10.23 12.79 -26.04
O7 NAG E . 15.24 9.18 -29.00
C1 NAG F . -19.25 8.19 -21.32
C2 NAG F . -19.68 9.19 -20.21
C3 NAG F . -20.64 10.24 -20.76
C4 NAG F . -20.08 10.89 -22.02
C5 NAG F . -19.74 9.80 -23.03
C6 NAG F . -19.16 10.35 -24.32
C7 NAG F . -19.97 8.69 -17.81
C8 NAG F . -20.70 7.85 -16.80
N2 NAG F . -20.29 8.47 -19.10
O3 NAG F . -20.89 11.24 -19.77
O4 NAG F . -21.03 11.79 -22.58
O5 NAG F . -18.75 8.92 -22.46
O6 NAG F . -19.29 9.43 -25.39
O7 NAG F . -19.13 9.53 -17.48
C1 NAG G . 10.69 -1.49 -43.19
C2 NAG G . 9.14 -1.49 -43.43
C3 NAG G . 8.81 -1.70 -44.92
C4 NAG G . 9.61 -0.78 -45.82
C5 NAG G . 11.09 -1.04 -45.57
C6 NAG G . 11.99 -0.17 -46.40
C7 NAG G . 8.18 -2.42 -41.34
C8 NAG G . 7.51 -3.61 -40.73
N2 NAG G . 8.50 -2.53 -42.63
O3 NAG G . 7.41 -1.49 -45.13
O4 NAG G . 9.31 -1.01 -47.18
O5 NAG G . 11.35 -0.71 -44.21
O6 NAG G . 12.98 0.45 -45.58
O7 NAG G . 8.41 -1.40 -40.70
C1 GOL H . 4.21 -9.51 -4.57
O1 GOL H . 3.82 -10.02 -3.33
C2 GOL H . 5.44 -10.31 -5.12
O2 GOL H . 6.24 -10.82 -4.11
C3 GOL H . 6.22 -9.32 -6.02
O3 GOL H . 5.57 -9.29 -7.25
C1 GOL I . -2.01 22.25 -9.00
O1 GOL I . -2.53 21.69 -7.83
C2 GOL I . -0.97 21.24 -9.58
O2 GOL I . -1.19 20.99 -10.92
C3 GOL I . 0.41 21.90 -9.35
O3 GOL I . 1.01 21.99 -10.59
C1 GOL J . 0.13 -8.46 22.85
O1 GOL J . 1.05 -9.19 23.61
C2 GOL J . -1.27 -9.04 23.15
O2 GOL J . -1.91 -8.32 24.14
C3 GOL J . -2.02 -9.00 21.83
O3 GOL J . -1.49 -10.01 21.04
C1 GOL K . -1.44 -2.31 -6.11
O1 GOL K . -2.45 -2.39 -5.17
C2 GOL K . -1.87 -1.24 -7.17
O2 GOL K . -0.89 -0.31 -7.37
C3 GOL K . -2.20 -2.05 -8.46
O3 GOL K . -3.39 -1.55 -8.99
C11 IXX L . 0.55 -9.61 12.97
C10 IXX L . 0.48 -9.30 14.33
C9 IXX L . -0.73 -8.85 14.89
C8 IXX L . -1.85 -8.70 14.09
C7 IXX L . -1.78 -9.01 12.74
C2 IXX L . 3.84 -7.18 10.75
C6 IXX L . -0.55 -9.79 10.65
C5 IXX L . 0.81 -10.17 10.06
N1 IXX L . 1.77 -10.11 12.25
C3 IXX L . 3.29 -7.22 9.46
N2 IXX L . 3.10 -14.45 14.08
C4 IXX L . 2.29 -8.15 9.16
C1 IXX L . 3.41 -8.09 11.73
C12 IXX L . -0.59 -9.46 12.19
C13 IXX L . 1.85 -9.07 10.15
C14 IXX L . 2.41 -9.04 11.41
C15 IXX L . 2.71 -10.68 13.19
C16 IXX L . 2.34 -12.22 13.33
C17 IXX L . 3.49 -12.99 14.01
C18 IXX L . 3.67 -15.16 12.95
C19 IXX L . 3.55 -15.03 15.34
S DMS M . -8.19 8.36 17.09
O DMS M . -8.08 6.87 17.05
C1 DMS M . -6.65 9.11 16.51
C2 DMS M . -9.35 8.93 15.82
S DMS N . 16.21 -1.96 -9.86
O DMS N . 15.33 -3.07 -10.36
C1 DMS N . 15.19 -0.59 -9.26
C2 DMS N . 17.04 -2.47 -8.33
C1 GOL O . -14.03 0.85 4.80
O1 GOL O . -13.60 2.00 5.44
C2 GOL O . -14.48 1.22 3.38
O2 GOL O . -13.54 0.88 2.44
C3 GOL O . -15.81 0.46 3.19
O3 GOL O . -16.04 0.41 1.80
C1 GOL P . -10.18 6.57 22.64
O1 GOL P . -9.69 5.58 23.48
C2 GOL P . -9.87 6.12 21.19
O2 GOL P . -10.11 7.15 20.27
C3 GOL P . -8.40 5.68 21.21
O3 GOL P . -7.92 5.79 19.91
C11 IXX Q . 8.16 -7.55 10.89
C10 IXX Q . 7.76 -7.55 9.56
C9 IXX Q . 6.96 -6.51 9.06
C8 IXX Q . 6.57 -5.47 9.90
C7 IXX Q . 6.97 -5.46 11.23
C2 IXX Q . 6.77 -11.33 13.15
C6 IXX Q . 8.21 -6.49 13.23
C5 IXX Q . 8.97 -7.70 13.80
N1 IXX Q . 8.99 -8.55 11.60
C3 IXX Q . 6.75 -10.82 14.46
N2 IXX Q . 13.81 -8.24 11.15
C4 IXX Q . 7.44 -9.65 14.76
C1 IXX Q . 7.47 -10.66 12.13
C12 IXX Q . 7.76 -6.50 11.71
C13 IXX Q . 8.15 -8.98 13.73
C14 IXX Q . 8.18 -9.48 12.45
C15 IXX Q . 10.03 -9.17 10.79
C16 IXX Q . 11.32 -8.25 10.88
C17 IXX Q . 12.61 -9.11 10.83
C18 IXX Q . 13.77 -7.88 12.57
C19 IXX Q . 15.04 -8.96 10.84
S DMS R . -15.99 -7.03 10.02
O DMS R . -15.10 -8.19 9.72
C1 DMS R . -17.68 -7.63 10.34
C2 DMS R . -15.58 -6.33 11.65
#